data_5IR0
#
_entry.id   5IR0
#
_cell.length_a   126.852
_cell.length_b   126.852
_cell.length_c   51.620
_cell.angle_alpha   90.00
_cell.angle_beta   90.00
_cell.angle_gamma   90.00
#
_symmetry.space_group_name_H-M   'P 43 21 2'
#
loop_
_entity.id
_entity.type
_entity.pdbx_description
1 polymer 'Uncharacterized protein ORF19'
2 non-polymer 'CITRIC ACID'
3 water water
#
_entity_poly.entity_id   1
_entity_poly.type   'polypeptide(L)'
_entity_poly.pdbx_seq_one_letter_code
;G(MSE)YTNTIIKTEIDEKVIKAFKLDALTRSKLFFKLTTKLAVPFAGVIDGAFSADRSLVSASVASLLSQHLDQETFEE
TQLILFGSIVEDGEALATPEAINKWFEYNDVNP(MSE)DLFVWLVDENLVTLFKGSKQLQSLKPKFDEFYKKFEDFIPQT
VISDDKAEE
;
_entity_poly.pdbx_strand_id   A,B
#
loop_
_chem_comp.id
_chem_comp.type
_chem_comp.name
_chem_comp.formula
CIT non-polymer 'CITRIC ACID' 'C6 H8 O7'
#
# COMPACT_ATOMS: atom_id res chain seq x y z
N GLY A 1 19.02 13.96 -5.85
CA GLY A 1 20.13 13.88 -4.93
C GLY A 1 19.83 12.97 -3.76
N MSE A 2 19.56 11.72 -4.06
CA MSE A 2 19.16 10.75 -3.04
C MSE A 2 19.53 9.32 -3.46
O MSE A 2 19.69 8.45 -2.63
CB MSE A 2 17.65 10.85 -2.79
CG MSE A 2 17.17 10.17 -1.51
SE MSE A 2 15.22 10.20 -1.34
CE MSE A 2 15.08 10.11 0.60
N TYR A 3 19.66 9.12 -4.77
CA TYR A 3 19.97 7.80 -5.31
C TYR A 3 21.36 7.75 -5.93
N THR A 4 21.90 6.54 -6.09
CA THR A 4 23.22 6.34 -6.69
C THR A 4 23.13 6.22 -8.21
N ASN A 5 24.13 5.59 -8.81
CA ASN A 5 24.12 5.30 -10.24
C ASN A 5 24.17 3.79 -10.48
N THR A 6 24.63 3.04 -9.47
CA THR A 6 24.65 1.58 -9.54
C THR A 6 23.22 1.06 -9.58
N ILE A 7 22.96 0.07 -10.43
CA ILE A 7 21.62 -0.46 -10.58
C ILE A 7 21.51 -1.93 -10.17
N ILE A 8 20.65 -2.18 -9.19
CA ILE A 8 20.26 -3.55 -8.83
C ILE A 8 19.06 -3.93 -9.68
N LYS A 9 18.83 -5.23 -9.85
CA LYS A 9 17.72 -5.69 -10.67
C LYS A 9 17.22 -7.03 -10.16
N THR A 10 15.97 -7.37 -10.47
CA THR A 10 15.40 -8.64 -10.06
C THR A 10 14.19 -8.99 -10.92
N GLU A 11 13.69 -10.21 -10.75
CA GLU A 11 12.50 -10.67 -11.43
C GLU A 11 11.39 -11.02 -10.46
N ILE A 12 10.35 -10.18 -10.43
CA ILE A 12 9.15 -10.51 -9.67
C ILE A 12 8.01 -10.79 -10.64
N ASP A 13 7.24 -11.84 -10.36
CA ASP A 13 6.17 -12.31 -11.23
C ASP A 13 6.69 -12.62 -12.64
N GLU A 14 6.42 -11.72 -13.58
CA GLU A 14 6.79 -11.94 -14.98
C GLU A 14 7.89 -10.98 -15.44
N LYS A 15 7.84 -9.75 -14.92
CA LYS A 15 8.68 -8.67 -15.43
C LYS A 15 10.00 -8.52 -14.68
N VAL A 16 11.04 -8.11 -15.40
CA VAL A 16 12.31 -7.79 -14.77
C VAL A 16 12.24 -6.33 -14.32
N ILE A 17 12.46 -6.10 -13.03
CA ILE A 17 12.43 -4.75 -12.48
C ILE A 17 13.79 -4.37 -11.92
N LYS A 18 14.23 -3.16 -12.25
CA LYS A 18 15.51 -2.66 -11.76
C LYS A 18 15.31 -1.31 -11.08
N ALA A 19 16.11 -1.05 -10.05
CA ALA A 19 16.01 0.20 -9.31
C ALA A 19 17.38 0.71 -8.90
N PHE A 20 17.51 2.03 -8.80
CA PHE A 20 18.75 2.62 -8.30
C PHE A 20 18.99 2.20 -6.84
N LYS A 21 20.24 2.21 -6.42
CA LYS A 21 20.57 1.91 -5.04
C LYS A 21 20.66 3.23 -4.27
N LEU A 22 20.32 3.20 -2.98
CA LEU A 22 20.35 4.40 -2.16
C LEU A 22 21.78 4.78 -1.77
N ASP A 23 21.97 6.04 -1.39
CA ASP A 23 23.24 6.51 -0.85
C ASP A 23 23.59 5.80 0.45
N ALA A 24 24.85 5.92 0.88
CA ALA A 24 25.30 5.30 2.12
C ALA A 24 24.63 5.94 3.33
N LEU A 25 24.61 7.26 3.36
CA LEU A 25 23.94 8.01 4.43
C LEU A 25 22.44 7.71 4.42
N THR A 26 21.85 7.75 3.25
CA THR A 26 20.41 7.56 3.11
C THR A 26 19.99 6.12 3.39
N ARG A 27 20.98 5.23 3.44
CA ARG A 27 20.73 3.85 3.84
C ARG A 27 20.92 3.66 5.34
N SER A 28 21.91 4.34 5.90
CA SER A 28 22.18 4.25 7.33
C SER A 28 21.06 4.87 8.16
N LYS A 29 20.56 6.02 7.69
CA LYS A 29 19.48 6.73 8.36
C LYS A 29 18.22 5.88 8.48
N LEU A 30 17.73 5.41 7.33
CA LEU A 30 16.56 4.53 7.27
C LEU A 30 16.77 3.29 8.13
N PHE A 31 17.92 2.65 7.98
CA PHE A 31 18.27 1.47 8.76
C PHE A 31 18.35 1.75 10.26
N PHE A 32 18.62 2.99 10.64
CA PHE A 32 18.68 3.32 12.06
C PHE A 32 17.29 3.42 12.69
N LYS A 33 16.37 4.11 12.03
CA LYS A 33 15.03 4.24 12.59
C LYS A 33 14.19 2.96 12.41
N LEU A 34 14.43 2.22 11.33
CA LEU A 34 13.71 0.98 11.11
C LEU A 34 14.01 -0.05 12.19
N THR A 35 15.27 -0.11 12.61
CA THR A 35 15.67 -1.02 13.69
C THR A 35 15.18 -0.52 15.05
N THR A 36 15.18 0.80 15.24
CA THR A 36 14.80 1.37 16.53
C THR A 36 13.29 1.61 16.67
N LYS A 37 12.65 2.06 15.61
CA LYS A 37 11.24 2.47 15.70
C LYS A 37 10.27 1.44 15.12
N LEU A 38 10.80 0.31 14.65
CA LEU A 38 9.96 -0.79 14.17
C LEU A 38 10.42 -2.15 14.72
N ALA A 39 11.71 -2.44 14.60
CA ALA A 39 12.24 -3.75 14.96
C ALA A 39 12.30 -4.01 16.47
N VAL A 40 13.14 -3.25 17.18
CA VAL A 40 13.37 -3.52 18.61
C VAL A 40 12.16 -3.34 19.55
N PRO A 41 11.03 -2.80 19.06
CA PRO A 41 9.84 -3.02 19.89
C PRO A 41 9.50 -4.51 20.07
N PHE A 42 9.95 -5.35 19.15
CA PHE A 42 9.80 -6.79 19.27
C PHE A 42 11.13 -7.48 19.54
N HIS A 68 2.02 0.92 19.21
CA HIS A 68 3.28 1.49 19.67
C HIS A 68 4.11 2.00 18.50
N LEU A 69 4.20 1.19 17.45
CA LEU A 69 5.06 1.49 16.32
C LEU A 69 4.63 2.73 15.56
N ASP A 70 5.60 3.45 15.02
CA ASP A 70 5.33 4.62 14.21
C ASP A 70 4.72 4.20 12.89
N GLN A 71 4.02 5.13 12.24
CA GLN A 71 3.31 4.82 11.01
C GLN A 71 3.89 5.63 9.85
N GLU A 72 4.33 6.85 10.16
CA GLU A 72 4.92 7.74 9.16
C GLU A 72 6.33 7.23 8.79
N THR A 73 6.88 6.35 9.62
CA THR A 73 8.16 5.70 9.34
C THR A 73 8.02 4.70 8.19
N PHE A 74 7.14 3.72 8.36
CA PHE A 74 6.87 2.74 7.31
C PHE A 74 6.46 3.41 6.01
N GLU A 75 5.65 4.46 6.15
CA GLU A 75 5.17 5.23 5.00
C GLU A 75 6.31 6.01 4.35
N GLU A 76 7.27 6.47 5.14
CA GLU A 76 8.39 7.23 4.61
C GLU A 76 9.35 6.36 3.81
N THR A 77 9.63 5.15 4.32
CA THR A 77 10.60 4.25 3.69
C THR A 77 10.17 3.82 2.29
N GLN A 78 8.98 3.23 2.20
CA GLN A 78 8.50 2.68 0.94
C GLN A 78 8.25 3.76 -0.10
N LEU A 79 8.14 5.01 0.36
CA LEU A 79 7.98 6.13 -0.55
C LEU A 79 9.34 6.50 -1.17
N ILE A 80 10.41 5.96 -0.56
CA ILE A 80 11.77 6.19 -1.03
C ILE A 80 12.31 4.98 -1.79
N LEU A 81 12.04 3.80 -1.26
CA LEU A 81 12.47 2.55 -1.89
C LEU A 81 11.77 2.36 -3.23
N PHE A 82 10.45 2.55 -3.25
CA PHE A 82 9.71 2.51 -4.51
C PHE A 82 10.08 3.73 -5.35
N GLY A 83 10.72 4.70 -4.71
CA GLY A 83 11.22 5.88 -5.39
C GLY A 83 12.45 5.59 -6.25
N SER A 84 13.20 4.56 -5.87
CA SER A 84 14.43 4.20 -6.58
C SER A 84 14.17 3.69 -7.99
N ILE A 85 13.07 2.98 -8.16
CA ILE A 85 12.71 2.30 -9.41
C ILE A 85 12.88 3.19 -10.65
N VAL A 86 13.45 2.62 -11.71
CA VAL A 86 13.78 3.41 -12.90
C VAL A 86 12.82 3.17 -14.07
N GLU A 87 12.72 4.18 -14.94
CA GLU A 87 11.89 4.09 -16.15
C GLU A 87 12.68 4.52 -17.38
N ASP A 88 12.86 5.83 -17.55
CA ASP A 88 13.52 6.37 -18.73
C ASP A 88 14.96 6.74 -18.45
N GLY A 89 15.68 5.88 -17.75
CA GLY A 89 17.04 6.18 -17.34
C GLY A 89 17.05 7.13 -16.16
N GLU A 90 15.86 7.42 -15.64
CA GLU A 90 15.69 8.27 -14.46
C GLU A 90 14.90 7.50 -13.41
N ALA A 91 14.46 8.17 -12.35
CA ALA A 91 13.81 7.46 -11.24
C ALA A 91 12.35 7.88 -11.02
N LEU A 92 11.55 6.93 -10.56
CA LEU A 92 10.18 7.19 -10.14
C LEU A 92 10.15 7.90 -8.79
N ALA A 93 10.29 9.22 -8.79
CA ALA A 93 10.34 9.95 -7.53
C ALA A 93 8.94 10.10 -6.88
N THR A 94 8.05 10.82 -7.55
CA THR A 94 6.73 11.13 -7.02
C THR A 94 5.82 9.90 -6.88
N PRO A 95 4.90 9.93 -5.89
CA PRO A 95 3.87 8.89 -5.75
C PRO A 95 2.92 8.86 -6.93
N GLU A 96 2.85 9.97 -7.64
CA GLU A 96 2.04 10.10 -8.85
C GLU A 96 2.50 9.10 -9.91
N ALA A 97 3.79 8.76 -9.87
CA ALA A 97 4.36 7.84 -10.86
C ALA A 97 4.72 6.48 -10.25
N ILE A 98 4.72 6.40 -8.92
CA ILE A 98 4.95 5.13 -8.23
C ILE A 98 3.70 4.25 -8.33
N ASN A 99 2.54 4.85 -8.08
CA ASN A 99 1.27 4.15 -8.17
C ASN A 99 0.84 3.91 -9.62
N LYS A 100 1.21 4.83 -10.50
CA LYS A 100 0.94 4.69 -11.93
C LYS A 100 1.68 3.48 -12.49
N TRP A 101 2.95 3.37 -12.12
CA TRP A 101 3.79 2.23 -12.48
C TRP A 101 3.20 0.92 -11.98
N PHE A 102 2.83 0.91 -10.70
CA PHE A 102 2.28 -0.27 -10.06
C PHE A 102 0.97 -0.77 -10.69
N GLU A 103 0.20 0.15 -11.26
CA GLU A 103 -1.06 -0.20 -11.90
C GLU A 103 -0.81 -0.86 -13.26
N TYR A 104 0.18 -0.36 -13.99
CA TYR A 104 0.58 -0.95 -15.25
C TYR A 104 1.23 -2.31 -15.03
N ASN A 105 2.42 -2.29 -14.46
CA ASN A 105 3.26 -3.48 -14.36
C ASN A 105 2.75 -4.53 -13.38
N ASP A 106 1.74 -4.17 -12.59
CA ASP A 106 0.96 -5.14 -11.84
C ASP A 106 1.80 -6.00 -10.89
N VAL A 107 2.90 -5.45 -10.39
CA VAL A 107 3.78 -6.18 -9.47
C VAL A 107 3.31 -6.05 -8.03
N ASN A 108 3.40 -7.14 -7.28
CA ASN A 108 3.05 -7.14 -5.87
C ASN A 108 4.00 -6.24 -5.07
N PRO A 109 3.46 -5.21 -4.41
CA PRO A 109 4.20 -4.19 -3.67
C PRO A 109 5.15 -4.75 -2.60
N MSE A 110 4.65 -5.65 -1.76
CA MSE A 110 5.42 -6.14 -0.62
C MSE A 110 6.68 -6.92 -1.03
O MSE A 110 7.73 -6.76 -0.39
CB MSE A 110 4.55 -7.02 0.27
CG MSE A 110 3.44 -6.26 0.99
SE MSE A 110 4.04 -4.80 2.16
CE MSE A 110 5.02 -5.81 3.49
N ASP A 111 6.59 -7.76 -2.04
CA ASP A 111 7.76 -8.47 -2.55
C ASP A 111 8.77 -7.49 -3.13
N LEU A 112 8.27 -6.48 -3.84
CA LEU A 112 9.12 -5.41 -4.35
C LEU A 112 9.60 -4.54 -3.19
N PHE A 113 8.89 -4.61 -2.06
CA PHE A 113 9.30 -3.91 -0.85
C PHE A 113 10.30 -4.73 -0.05
N VAL A 114 9.97 -6.00 0.18
CA VAL A 114 10.85 -6.92 0.89
C VAL A 114 12.22 -7.02 0.23
N TRP A 115 12.23 -7.06 -1.10
CA TRP A 115 13.48 -7.12 -1.87
C TRP A 115 14.33 -5.87 -1.69
N LEU A 116 13.73 -4.71 -1.95
CA LEU A 116 14.43 -3.43 -1.86
C LEU A 116 14.99 -3.19 -0.45
N VAL A 117 14.37 -3.81 0.55
CA VAL A 117 14.88 -3.75 1.92
C VAL A 117 16.11 -4.63 2.08
N ASP A 118 16.02 -5.87 1.60
CA ASP A 118 17.13 -6.82 1.68
C ASP A 118 18.36 -6.40 0.89
N GLU A 119 18.17 -5.47 -0.04
CA GLU A 119 19.26 -5.06 -0.93
C GLU A 119 19.87 -3.70 -0.54
N ASN A 120 19.08 -2.85 0.09
CA ASN A 120 19.56 -1.53 0.47
C ASN A 120 19.87 -1.42 1.96
N LEU A 121 19.19 -2.20 2.79
CA LEU A 121 19.28 -2.07 4.24
C LEU A 121 19.94 -3.27 4.93
N VAL A 122 19.41 -4.46 4.68
CA VAL A 122 19.92 -5.67 5.32
C VAL A 122 21.40 -5.91 5.01
N THR A 123 21.83 -5.47 3.83
CA THR A 123 23.23 -5.57 3.41
C THR A 123 24.18 -4.88 4.40
N LEU A 124 23.71 -3.80 5.02
CA LEU A 124 24.49 -3.08 6.01
C LEU A 124 24.77 -3.95 7.24
N PHE A 125 23.86 -4.88 7.54
CA PHE A 125 24.02 -5.74 8.69
C PHE A 125 24.93 -6.93 8.34
N LYS A 126 25.17 -7.12 7.05
CA LYS A 126 26.06 -8.18 6.58
C LYS A 126 27.35 -7.60 6.03
N GLY A 127 28.27 -7.26 6.91
CA GLY A 127 29.54 -6.67 6.52
C GLY A 127 30.17 -5.91 7.66
N GLY B 1 -7.32 10.68 -6.36
CA GLY B 1 -5.92 10.61 -5.99
C GLY B 1 -5.68 9.65 -4.85
N MSE B 2 -6.49 8.60 -4.77
CA MSE B 2 -6.36 7.60 -3.73
C MSE B 2 -6.94 6.31 -4.19
O MSE B 2 -6.92 5.30 -3.45
CB MSE B 2 -7.11 8.07 -2.48
CG MSE B 2 -6.99 7.06 -1.36
SE MSE B 2 -7.74 7.83 0.30
CE MSE B 2 -8.82 9.25 -0.51
N TYR B 3 -7.48 6.30 -5.42
CA TYR B 3 -8.07 5.09 -5.98
C TYR B 3 -7.52 4.90 -7.38
N THR B 4 -7.52 3.66 -7.66
CA THR B 4 -7.12 3.45 -9.06
C THR B 4 -8.24 3.47 -10.05
N ASN B 5 -8.17 2.62 -11.07
CA ASN B 5 -9.24 2.58 -12.05
C ASN B 5 -9.66 1.14 -12.32
N THR B 6 -9.05 0.21 -11.57
CA THR B 6 -9.36 -1.20 -11.70
C THR B 6 -10.60 -1.53 -10.88
N ILE B 7 -11.77 -1.43 -11.50
CA ILE B 7 -13.04 -1.66 -10.83
C ILE B 7 -13.24 -3.15 -10.52
N ILE B 8 -13.56 -3.44 -9.26
CA ILE B 8 -13.91 -4.81 -8.85
C ILE B 8 -15.39 -4.82 -8.44
N LYS B 9 -16.06 -5.96 -8.66
CA LYS B 9 -17.48 -6.05 -8.36
C LYS B 9 -17.85 -7.28 -7.55
N THR B 10 -19.02 -7.22 -6.92
CA THR B 10 -19.64 -8.37 -6.28
C THR B 10 -21.11 -8.05 -6.06
N GLU B 11 -21.85 -8.94 -5.40
CA GLU B 11 -23.25 -8.71 -5.12
C GLU B 11 -23.66 -9.22 -3.74
N ILE B 12 -23.82 -8.31 -2.81
CA ILE B 12 -24.37 -8.64 -1.50
C ILE B 12 -25.86 -8.31 -1.55
N ASP B 13 -26.65 -9.02 -0.73
CA ASP B 13 -28.11 -8.96 -0.80
C ASP B 13 -28.50 -9.33 -2.25
N GLU B 14 -29.00 -8.36 -3.01
CA GLU B 14 -29.25 -8.52 -4.44
C GLU B 14 -28.97 -7.19 -5.11
N LYS B 15 -27.84 -6.58 -4.73
CA LYS B 15 -27.49 -5.23 -5.15
C LYS B 15 -26.17 -5.26 -5.94
N VAL B 16 -26.17 -4.67 -7.13
CA VAL B 16 -24.95 -4.62 -7.92
C VAL B 16 -24.01 -3.49 -7.45
N ILE B 17 -23.01 -3.87 -6.68
CA ILE B 17 -22.06 -2.90 -6.19
C ILE B 17 -20.67 -3.16 -6.67
N LYS B 18 -20.05 -2.12 -7.20
CA LYS B 18 -18.68 -2.18 -7.64
C LYS B 18 -17.87 -1.10 -6.96
N ALA B 19 -16.55 -1.23 -7.00
CA ALA B 19 -15.67 -0.28 -6.34
C ALA B 19 -14.29 -0.24 -6.97
N PHE B 20 -13.66 0.93 -6.88
CA PHE B 20 -12.27 1.07 -7.30
C PHE B 20 -11.36 0.27 -6.37
N LYS B 21 -10.09 0.17 -6.71
CA LYS B 21 -9.13 -0.45 -5.82
C LYS B 21 -8.12 0.57 -5.34
N LEU B 22 -7.57 0.33 -4.16
CA LEU B 22 -6.54 1.19 -3.60
C LEU B 22 -5.25 1.05 -4.41
N ASP B 23 -4.58 2.16 -4.67
CA ASP B 23 -3.27 2.12 -5.31
C ASP B 23 -2.26 1.46 -4.40
N ALA B 24 -1.14 0.99 -4.96
CA ALA B 24 -0.17 0.18 -4.23
C ALA B 24 0.30 0.82 -2.92
N LEU B 25 0.53 2.13 -2.94
CA LEU B 25 0.98 2.84 -1.73
C LEU B 25 -0.11 2.86 -0.66
N THR B 26 -1.31 3.30 -1.04
CA THR B 26 -2.43 3.37 -0.12
C THR B 26 -2.83 2.00 0.39
N ARG B 27 -2.69 0.99 -0.48
CA ARG B 27 -3.02 -0.38 -0.13
C ARG B 27 -1.98 -0.96 0.82
N SER B 28 -0.75 -0.45 0.75
CA SER B 28 0.34 -0.92 1.58
C SER B 28 0.31 -0.35 2.99
N LYS B 29 0.13 0.97 3.09
CA LYS B 29 0.03 1.65 4.36
C LYS B 29 -1.13 1.09 5.19
N LEU B 30 -2.27 0.94 4.53
CA LEU B 30 -3.48 0.43 5.17
C LEU B 30 -3.32 -1.03 5.59
N PHE B 31 -2.60 -1.81 4.78
CA PHE B 31 -2.33 -3.20 5.15
C PHE B 31 -1.39 -3.31 6.34
N PHE B 32 -0.37 -2.46 6.40
CA PHE B 32 0.58 -2.50 7.51
C PHE B 32 -0.08 -2.03 8.81
N LYS B 33 -0.91 -1.00 8.73
CA LYS B 33 -1.56 -0.43 9.91
C LYS B 33 -2.45 -1.45 10.62
N LEU B 34 -3.38 -2.04 9.87
CA LEU B 34 -4.29 -3.06 10.40
C LEU B 34 -3.54 -4.26 10.98
N THR B 35 -2.64 -4.83 10.19
CA THR B 35 -1.87 -6.00 10.63
C THR B 35 -1.02 -5.67 11.87
N THR B 36 -0.54 -4.44 11.96
CA THR B 36 0.21 -4.00 13.14
C THR B 36 -0.70 -3.79 14.34
N LYS B 37 -1.75 -3.00 14.16
CA LYS B 37 -2.54 -2.49 15.27
C LYS B 37 -3.79 -3.31 15.62
N LEU B 38 -4.22 -4.20 14.72
CA LEU B 38 -5.45 -4.95 14.96
C LEU B 38 -5.29 -6.47 14.84
N ALA B 39 -4.35 -6.92 14.03
CA ALA B 39 -4.18 -8.35 13.81
C ALA B 39 -3.63 -9.08 15.04
N VAL B 40 -2.41 -8.74 15.45
CA VAL B 40 -1.72 -9.45 16.53
C VAL B 40 -2.37 -9.30 17.93
N PRO B 41 -3.06 -8.19 18.16
CA PRO B 41 -3.71 -7.94 19.45
C PRO B 41 -4.84 -8.93 19.72
N HIS B 68 -5.63 -2.27 24.60
CA HIS B 68 -6.79 -2.89 23.97
C HIS B 68 -6.85 -2.42 22.51
N LEU B 69 -7.65 -3.11 21.68
CA LEU B 69 -7.72 -2.84 20.24
C LEU B 69 -7.98 -1.35 19.91
N ASP B 70 -7.31 -0.87 18.86
CA ASP B 70 -7.39 0.53 18.46
C ASP B 70 -8.77 0.86 17.89
N GLN B 71 -9.09 2.15 17.81
CA GLN B 71 -10.42 2.57 17.37
C GLN B 71 -10.40 3.50 16.16
N GLU B 72 -9.53 4.52 16.19
CA GLU B 72 -9.45 5.47 15.08
C GLU B 72 -8.78 4.84 13.85
N THR B 73 -8.41 3.56 13.98
CA THR B 73 -7.89 2.79 12.86
C THR B 73 -9.06 2.23 12.04
N PHE B 74 -9.92 1.47 12.69
CA PHE B 74 -11.08 0.90 12.01
C PHE B 74 -11.94 2.04 11.46
N GLU B 75 -12.07 3.10 12.26
CA GLU B 75 -12.87 4.26 11.86
C GLU B 75 -12.23 4.99 10.69
N GLU B 76 -10.97 4.69 10.40
CA GLU B 76 -10.25 5.33 9.31
C GLU B 76 -10.30 4.52 8.01
N THR B 77 -10.18 3.20 8.13
CA THR B 77 -10.21 2.32 6.97
C THR B 77 -11.52 2.46 6.22
N GLN B 78 -12.60 2.50 6.98
CA GLN B 78 -13.95 2.65 6.44
C GLN B 78 -14.07 3.89 5.57
N LEU B 79 -13.51 5.00 6.04
CA LEU B 79 -13.55 6.25 5.28
C LEU B 79 -12.71 6.13 4.00
N ILE B 80 -11.76 5.20 3.99
CA ILE B 80 -10.96 4.93 2.80
C ILE B 80 -11.57 3.80 1.97
N LEU B 81 -11.87 2.68 2.62
CA LEU B 81 -12.38 1.51 1.90
C LEU B 81 -13.77 1.74 1.30
N PHE B 82 -14.68 2.33 2.08
CA PHE B 82 -16.01 2.62 1.56
C PHE B 82 -15.99 3.78 0.55
N GLY B 83 -14.85 4.43 0.44
CA GLY B 83 -14.66 5.48 -0.56
C GLY B 83 -14.40 4.92 -1.95
N SER B 84 -13.91 3.69 -2.01
CA SER B 84 -13.64 3.03 -3.29
C SER B 84 -14.92 2.79 -4.09
N ILE B 85 -16.05 2.72 -3.39
CA ILE B 85 -17.34 2.43 -4.00
C ILE B 85 -17.69 3.48 -5.08
N VAL B 86 -18.27 3.04 -6.18
CA VAL B 86 -18.47 3.92 -7.33
C VAL B 86 -19.88 4.51 -7.41
N GLU B 87 -20.06 5.76 -7.79
CA GLU B 87 -21.43 6.19 -7.96
C GLU B 87 -21.56 6.59 -9.42
N ASP B 88 -21.90 7.81 -9.68
CA ASP B 88 -21.99 8.05 -11.04
C ASP B 88 -20.57 8.08 -11.60
N GLY B 89 -20.02 6.89 -11.76
CA GLY B 89 -18.72 6.66 -12.37
C GLY B 89 -17.56 7.27 -11.60
N GLU B 90 -17.90 8.06 -10.59
CA GLU B 90 -16.91 8.67 -9.70
C GLU B 90 -16.84 7.83 -8.43
N ALA B 91 -16.15 8.32 -7.41
CA ALA B 91 -16.05 7.60 -6.15
C ALA B 91 -16.67 8.37 -4.99
N LEU B 92 -17.15 7.66 -3.98
CA LEU B 92 -17.75 8.29 -2.81
C LEU B 92 -16.67 8.72 -1.81
N ALA B 93 -16.02 9.84 -2.06
CA ALA B 93 -14.92 10.31 -1.22
C ALA B 93 -15.37 10.68 0.20
N THR B 94 -16.24 11.65 0.33
CA THR B 94 -16.68 12.13 1.61
C THR B 94 -17.37 11.10 2.43
N PRO B 95 -17.34 11.29 3.81
CA PRO B 95 -18.00 10.26 4.60
C PRO B 95 -19.47 10.57 4.63
N GLU B 96 -19.75 11.77 4.19
CA GLU B 96 -21.10 12.26 4.09
C GLU B 96 -21.82 11.52 2.96
N ALA B 97 -21.12 11.38 1.83
CA ALA B 97 -21.69 10.68 0.68
C ALA B 97 -21.72 9.16 0.86
N ILE B 98 -20.90 8.66 1.78
CA ILE B 98 -20.88 7.22 2.07
C ILE B 98 -22.13 6.85 2.86
N ASN B 99 -22.59 7.77 3.70
CA ASN B 99 -23.76 7.53 4.54
C ASN B 99 -25.07 7.74 3.79
N LYS B 100 -25.08 8.63 2.81
CA LYS B 100 -26.27 8.85 1.97
C LYS B 100 -26.49 7.64 1.07
N TRP B 101 -25.40 7.13 0.51
CA TRP B 101 -25.43 5.93 -0.31
C TRP B 101 -26.02 4.77 0.48
N PHE B 102 -25.40 4.49 1.62
CA PHE B 102 -25.85 3.44 2.52
C PHE B 102 -27.30 3.64 3.00
N GLU B 103 -27.75 4.88 3.14
CA GLU B 103 -29.09 5.12 3.67
C GLU B 103 -30.32 4.54 2.93
N TYR B 104 -30.37 4.65 1.61
CA TYR B 104 -31.53 4.12 0.88
C TYR B 104 -31.31 2.73 0.28
N ASN B 105 -30.05 2.32 0.21
CA ASN B 105 -29.64 1.03 -0.37
C ASN B 105 -30.05 -0.31 0.25
N ASP B 106 -30.06 -0.41 1.58
CA ASP B 106 -30.32 -1.69 2.25
C ASP B 106 -29.25 -2.74 1.95
N VAL B 107 -27.98 -2.34 2.05
CA VAL B 107 -26.86 -3.27 1.91
C VAL B 107 -26.08 -3.33 3.21
N ASN B 108 -25.85 -4.54 3.72
CA ASN B 108 -25.15 -4.73 4.99
C ASN B 108 -23.70 -4.24 4.90
N PRO B 109 -23.36 -3.26 5.74
CA PRO B 109 -22.04 -2.63 5.81
C PRO B 109 -20.91 -3.62 6.10
N MSE B 110 -21.10 -4.45 7.13
CA MSE B 110 -20.05 -5.35 7.61
C MSE B 110 -19.75 -6.48 6.63
O MSE B 110 -18.81 -7.24 6.86
CB MSE B 110 -20.42 -5.92 8.98
CG MSE B 110 -20.53 -4.88 10.07
SE MSE B 110 -18.99 -3.67 10.18
CE MSE B 110 -17.60 -4.94 10.68
N ASP B 111 -20.54 -6.61 5.57
CA ASP B 111 -20.22 -7.52 4.48
C ASP B 111 -19.43 -6.79 3.41
N LEU B 112 -19.98 -5.66 2.95
CA LEU B 112 -19.33 -4.81 1.96
C LEU B 112 -17.95 -4.40 2.44
N PHE B 113 -17.80 -4.32 3.76
CA PHE B 113 -16.51 -4.01 4.38
C PHE B 113 -15.55 -5.18 4.32
N VAL B 114 -16.02 -6.37 4.72
CA VAL B 114 -15.19 -7.57 4.72
C VAL B 114 -14.76 -7.94 3.30
N TRP B 115 -15.64 -7.69 2.32
CA TRP B 115 -15.30 -7.92 0.92
C TRP B 115 -14.22 -6.96 0.44
N LEU B 116 -14.39 -5.68 0.77
CA LEU B 116 -13.43 -4.65 0.39
C LEU B 116 -12.05 -4.90 1.02
N VAL B 117 -12.02 -5.64 2.12
CA VAL B 117 -10.75 -6.05 2.72
C VAL B 117 -10.20 -7.28 1.98
N ASP B 118 -11.11 -8.18 1.61
CA ASP B 118 -10.76 -9.44 0.93
C ASP B 118 -10.11 -9.20 -0.42
N GLU B 119 -10.44 -8.09 -1.07
CA GLU B 119 -9.97 -7.83 -2.43
C GLU B 119 -8.88 -6.76 -2.48
N ASN B 120 -8.72 -5.99 -1.41
CA ASN B 120 -7.69 -4.96 -1.37
C ASN B 120 -6.52 -5.34 -0.48
N LEU B 121 -6.80 -5.72 0.76
CA LEU B 121 -5.77 -5.94 1.77
C LEU B 121 -5.34 -7.40 1.90
N VAL B 122 -6.30 -8.32 1.86
CA VAL B 122 -6.00 -9.75 1.96
C VAL B 122 -5.34 -10.26 0.68
N THR B 123 -5.59 -9.56 -0.44
CA THR B 123 -4.99 -9.92 -1.72
C THR B 123 -3.47 -9.72 -1.72
N LEU B 124 -2.96 -8.97 -0.73
CA LEU B 124 -1.52 -8.86 -0.53
C LEU B 124 -0.95 -10.14 0.06
N PHE B 125 -1.45 -10.51 1.24
CA PHE B 125 -0.96 -11.68 1.96
C PHE B 125 -1.20 -12.97 1.19
N LYS B 126 -2.23 -12.99 0.35
CA LYS B 126 -2.54 -14.16 -0.46
C LYS B 126 -1.91 -14.08 -1.85
N GLY B 127 -0.91 -13.21 -2.00
CA GLY B 127 -0.25 -13.03 -3.28
C GLY B 127 1.23 -12.71 -3.23
N SER B 128 1.74 -12.43 -2.03
CA SER B 128 3.14 -12.09 -1.84
C SER B 128 3.99 -13.30 -1.41
N LYS B 129 5.23 -13.33 -1.88
CA LYS B 129 6.26 -14.27 -1.40
C LYS B 129 5.80 -15.73 -1.31
C1 CIT C . -28.60 -3.23 7.38
O1 CIT C . -28.92 -4.32 7.90
O2 CIT C . -27.82 -3.22 6.40
C2 CIT C . -29.14 -1.92 7.92
C3 CIT C . -30.52 -1.61 7.34
O7 CIT C . -31.01 -0.38 7.95
C4 CIT C . -30.45 -1.41 5.83
C5 CIT C . -30.02 0.02 5.53
O3 CIT C . -30.68 0.98 5.97
O4 CIT C . -29.02 0.24 4.82
C6 CIT C . -31.49 -2.73 7.65
O5 CIT C . -31.46 -3.33 8.74
O6 CIT C . -32.34 -3.07 6.81
#